data_1M68
#
_entry.id   1M68
#
_cell.length_a   77.350
_cell.length_b   77.350
_cell.length_c   80.050
_cell.angle_alpha   90.00
_cell.angle_beta   90.00
_cell.angle_gamma   120.00
#
_symmetry.space_group_name_H-M   'P 3 2 1'
#
loop_
_entity.id
_entity.type
_entity.pdbx_description
1 polymer 'Hypothetical protein ycdX'
2 non-polymer 'ZINC ION'
3 non-polymer 'SULFATE ION'
4 water water
#
_entity_poly.entity_id   1
_entity_poly.type   'polypeptide(L)'
_entity_poly.pdbx_seq_one_letter_code
;MYPVDLHMHTVASTHAYSTLSDYIAQAKQKGIKLFAITDHGPDMEDAPHHWHFINMRIWPRVVDGVGILRGIEANIKNVD
GEIDCSGKMFDSLDLIIAGFHEPVFAPHDKATNTQAMIATIASGNVHIISHPGNPKYEIDVKAVAEAAAKHQVALEINNS
SFLHSRKGSEDNCREVAAAVRDAGGWVALGSDSHTAFTMGEFEECLKILDAVDFPPERILNVSPRRLLNFLESRGMAPIA
EFADL
;
_entity_poly.pdbx_strand_id   A
#
loop_
_chem_comp.id
_chem_comp.type
_chem_comp.name
_chem_comp.formula
SO4 non-polymer 'SULFATE ION' 'O4 S -2'
ZN non-polymer 'ZINC ION' 'Zn 2'
#
# COMPACT_ATOMS: atom_id res chain seq x y z
N TYR A 2 -2.06 -16.03 -1.26
CA TYR A 2 -1.68 -14.90 -2.18
C TYR A 2 -0.19 -14.69 -1.90
N PRO A 3 0.63 -14.85 -2.94
CA PRO A 3 2.09 -14.80 -2.80
C PRO A 3 2.72 -13.40 -2.90
N VAL A 4 1.92 -12.35 -2.69
CA VAL A 4 2.40 -10.97 -2.69
C VAL A 4 1.81 -10.26 -1.47
N ASP A 5 2.64 -9.52 -0.74
CA ASP A 5 2.17 -8.69 0.39
C ASP A 5 2.76 -7.31 0.12
N LEU A 6 1.95 -6.26 0.20
CA LEU A 6 2.37 -4.93 -0.26
C LEU A 6 2.58 -3.83 0.79
N HIS A 7 2.46 -4.18 2.06
CA HIS A 7 2.42 -3.13 3.08
C HIS A 7 2.96 -3.69 4.39
N MET A 8 4.17 -3.26 4.74
CA MET A 8 4.80 -3.64 5.99
C MET A 8 5.89 -2.66 6.44
N HIS A 9 6.28 -2.75 7.71
CA HIS A 9 7.10 -1.76 8.36
C HIS A 9 8.34 -2.35 9.02
N THR A 10 9.44 -1.60 9.04
CA THR A 10 10.69 -2.08 9.67
C THR A 10 11.03 -1.19 10.85
N VAL A 11 12.16 -1.45 11.51
CA VAL A 11 12.66 -0.75 12.72
C VAL A 11 12.95 0.73 12.44
N ALA A 12 12.95 1.08 11.17
CA ALA A 12 13.06 2.51 10.83
C ALA A 12 11.99 3.33 11.63
N SER A 13 10.94 2.66 12.10
CA SER A 13 10.03 3.21 13.12
C SER A 13 10.22 2.33 14.36
N THR A 14 10.30 2.95 15.54
CA THR A 14 10.47 2.14 16.76
C THR A 14 9.23 1.36 17.15
N HIS A 15 8.12 1.66 16.50
CA HIS A 15 6.87 0.90 16.72
C HIS A 15 6.74 -0.29 15.76
N ALA A 16 7.85 -0.59 15.10
CA ALA A 16 7.96 -1.82 14.35
C ALA A 16 9.25 -2.52 14.81
N TYR A 17 9.45 -3.78 14.44
CA TYR A 17 10.47 -4.54 15.14
C TYR A 17 11.24 -5.53 14.29
N SER A 18 11.08 -5.46 12.98
CA SER A 18 11.75 -6.38 12.10
C SER A 18 12.54 -5.62 11.08
N THR A 19 13.58 -6.25 10.57
CA THR A 19 14.38 -5.66 9.51
C THR A 19 14.08 -6.24 8.15
N LEU A 20 14.72 -5.63 7.16
CA LEU A 20 14.66 -6.13 5.80
C LEU A 20 14.99 -7.62 5.77
N SER A 21 16.05 -8.05 6.46
CA SER A 21 16.44 -9.47 6.45
C SER A 21 15.40 -10.38 7.11
N ASP A 22 14.71 -9.89 8.15
CA ASP A 22 13.63 -10.69 8.77
C ASP A 22 12.52 -10.93 7.77
N TYR A 23 12.15 -9.90 6.99
CA TYR A 23 11.05 -10.04 6.01
C TYR A 23 11.44 -11.00 4.88
N ILE A 24 12.68 -10.91 4.40
CA ILE A 24 13.13 -11.86 3.39
C ILE A 24 13.06 -13.28 3.95
N ALA A 25 13.49 -13.49 5.19
CA ALA A 25 13.51 -14.83 5.74
C ALA A 25 12.09 -15.35 5.94
N GLN A 26 11.19 -14.52 6.46
CA GLN A 26 9.80 -14.94 6.60
C GLN A 26 9.12 -15.26 5.25
N ALA A 27 9.41 -14.49 4.21
CA ALA A 27 8.76 -14.69 2.91
C ALA A 27 9.11 -16.05 2.36
N LYS A 28 10.39 -16.40 2.52
CA LYS A 28 10.92 -17.68 2.08
C LYS A 28 10.20 -18.82 2.78
N GLN A 29 9.97 -18.64 4.09
CA GLN A 29 9.30 -19.63 4.91
C GLN A 29 7.82 -19.76 4.60
N LYS A 30 7.20 -18.71 4.09
CA LYS A 30 5.76 -18.71 3.93
C LYS A 30 5.35 -18.70 2.46
N GLY A 31 6.33 -18.93 1.60
CA GLY A 31 6.05 -19.04 0.18
C GLY A 31 5.68 -17.75 -0.51
N ILE A 32 6.17 -16.63 0.00
CA ILE A 32 5.88 -15.35 -0.62
C ILE A 32 7.04 -15.12 -1.65
N LYS A 33 6.67 -14.74 -2.88
CA LYS A 33 7.59 -14.55 -4.00
C LYS A 33 7.86 -13.04 -4.26
N LEU A 34 7.01 -12.16 -3.70
CA LEU A 34 7.20 -10.73 -3.91
C LEU A 34 6.57 -9.87 -2.81
N PHE A 35 7.36 -8.94 -2.25
CA PHE A 35 6.83 -8.04 -1.22
C PHE A 35 7.43 -6.65 -1.27
N ALA A 36 6.78 -5.75 -0.56
CA ALA A 36 7.21 -4.37 -0.54
C ALA A 36 7.40 -3.88 0.90
N ILE A 37 8.49 -3.17 1.17
CA ILE A 37 8.61 -2.53 2.48
C ILE A 37 8.05 -1.12 2.33
N THR A 38 7.06 -0.78 3.14
CA THR A 38 6.45 0.54 3.04
C THR A 38 6.52 1.29 4.36
N ASP A 39 7.70 1.72 4.77
CA ASP A 39 7.79 2.53 5.99
C ASP A 39 6.96 3.82 5.95
N HIS A 40 6.46 4.20 7.13
CA HIS A 40 5.76 5.47 7.30
C HIS A 40 6.60 6.64 6.77
N GLY A 41 5.91 7.59 6.12
CA GLY A 41 6.53 8.79 5.60
C GLY A 41 7.07 9.69 6.69
N PRO A 42 8.09 10.46 6.30
CA PRO A 42 8.90 11.27 7.22
C PRO A 42 8.18 12.33 8.01
N ASP A 43 7.05 12.87 7.54
CA ASP A 43 6.35 13.85 8.36
C ASP A 43 5.68 13.21 9.58
N MET A 44 5.50 11.91 9.57
CA MET A 44 4.86 11.22 10.71
C MET A 44 5.79 11.19 11.91
N GLU A 45 5.23 11.06 13.11
CA GLU A 45 6.05 10.88 14.29
C GLU A 45 6.54 9.45 14.26
N ASP A 46 7.69 9.21 14.85
CA ASP A 46 8.30 7.89 14.95
C ASP A 46 8.47 7.26 13.56
N ALA A 47 8.81 8.09 12.59
CA ALA A 47 9.10 7.66 11.22
C ALA A 47 10.56 8.02 10.86
N PRO A 48 11.18 7.33 9.90
CA PRO A 48 12.59 7.60 9.56
C PRO A 48 12.82 8.94 8.87
N HIS A 49 14.10 9.24 8.65
CA HIS A 49 14.59 10.41 7.93
C HIS A 49 14.24 10.20 6.47
N HIS A 50 14.07 11.26 5.68
CA HIS A 50 13.72 11.05 4.28
C HIS A 50 14.78 10.28 3.52
N TRP A 51 16.01 10.33 4.03
CA TRP A 51 17.10 9.62 3.36
C TRP A 51 16.86 8.11 3.35
N HIS A 52 16.11 7.65 4.34
CA HIS A 52 15.73 6.24 4.42
C HIS A 52 15.04 5.78 3.14
N PHE A 53 14.24 6.64 2.52
CA PHE A 53 13.57 6.29 1.28
C PHE A 53 14.48 6.49 0.07
N ILE A 54 15.20 7.61 0.04
CA ILE A 54 16.15 7.84 -1.04
C ILE A 54 17.21 6.75 -1.21
N ASN A 55 17.69 6.20 -0.10
CA ASN A 55 18.80 5.24 -0.18
C ASN A 55 18.33 3.80 -0.42
N MET A 56 17.04 3.60 -0.65
CA MET A 56 16.52 2.24 -0.94
C MET A 56 16.93 1.81 -2.34
N ARG A 57 17.44 2.76 -3.12
CA ARG A 57 17.94 2.48 -4.46
C ARG A 57 19.08 1.46 -4.44
N ILE A 58 19.71 1.26 -3.28
CA ILE A 58 20.81 0.28 -3.14
C ILE A 58 20.37 -1.16 -2.93
N TRP A 59 19.12 -1.35 -2.54
CA TRP A 59 18.64 -2.70 -2.23
C TRP A 59 18.78 -3.65 -3.37
N PRO A 60 19.11 -4.88 -3.04
CA PRO A 60 19.14 -5.91 -4.07
C PRO A 60 17.68 -6.11 -4.51
N ARG A 61 17.49 -6.62 -5.74
CA ARG A 61 16.16 -6.88 -6.23
C ARG A 61 15.64 -8.21 -5.72
N VAL A 62 16.51 -9.21 -5.73
CA VAL A 62 16.14 -10.57 -5.40
C VAL A 62 17.04 -11.28 -4.41
N VAL A 63 16.47 -11.85 -3.36
CA VAL A 63 17.26 -12.61 -2.38
C VAL A 63 16.57 -13.95 -2.08
N ASP A 64 17.30 -15.05 -2.23
CA ASP A 64 16.73 -16.37 -1.99
C ASP A 64 15.43 -16.57 -2.83
N GLY A 65 15.42 -16.08 -4.06
CA GLY A 65 14.23 -16.23 -4.89
C GLY A 65 13.10 -15.24 -4.66
N VAL A 66 13.18 -14.44 -3.60
CA VAL A 66 12.14 -13.45 -3.28
C VAL A 66 12.44 -12.09 -3.87
N GLY A 67 11.47 -11.49 -4.57
CA GLY A 67 11.67 -10.17 -5.16
C GLY A 67 11.34 -9.12 -4.13
N ILE A 68 12.02 -7.98 -4.16
CA ILE A 68 11.81 -6.95 -3.17
C ILE A 68 11.47 -5.59 -3.77
N LEU A 69 10.29 -5.06 -3.45
CA LEU A 69 9.86 -3.74 -3.94
C LEU A 69 10.15 -2.67 -2.90
N ARG A 70 10.61 -1.51 -3.37
CA ARG A 70 10.95 -0.37 -2.54
C ARG A 70 9.75 0.55 -2.48
N GLY A 71 9.25 0.79 -1.29
CA GLY A 71 8.03 1.54 -1.17
C GLY A 71 8.04 2.46 0.00
N ILE A 72 6.91 3.14 0.17
CA ILE A 72 6.70 4.07 1.25
C ILE A 72 5.22 4.08 1.57
N GLU A 73 4.87 4.19 2.84
CA GLU A 73 3.48 4.49 3.17
C GLU A 73 3.45 5.97 3.49
N ALA A 74 3.19 6.78 2.48
CA ALA A 74 3.23 8.22 2.64
C ALA A 74 2.04 8.73 3.43
N ASN A 75 2.20 9.92 3.99
CA ASN A 75 1.13 10.55 4.72
C ASN A 75 0.45 11.60 3.88
N ILE A 76 -0.87 11.52 3.83
CA ILE A 76 -1.65 12.54 3.16
C ILE A 76 -1.57 13.80 4.04
N LYS A 77 -1.15 14.92 3.49
CA LYS A 77 -0.96 16.11 4.29
C LYS A 77 -2.11 17.11 4.30
N ASN A 78 -2.86 17.21 3.21
CA ASN A 78 -3.87 18.27 3.16
C ASN A 78 -4.92 18.03 2.11
N VAL A 79 -5.93 18.91 2.07
CA VAL A 79 -7.02 18.79 1.13
C VAL A 79 -6.54 18.84 -0.30
N ASP A 80 -5.30 19.30 -0.54
CA ASP A 80 -4.77 19.31 -1.92
C ASP A 80 -4.20 17.95 -2.40
N GLY A 81 -4.21 16.96 -1.52
CA GLY A 81 -3.75 15.64 -1.90
C GLY A 81 -2.25 15.51 -1.94
N GLU A 82 -1.55 16.45 -1.33
CA GLU A 82 -0.10 16.38 -1.21
C GLU A 82 0.34 15.31 -0.18
N ILE A 83 1.49 14.69 -0.45
CA ILE A 83 2.04 13.67 0.46
C ILE A 83 3.49 14.04 0.80
N ASP A 84 4.02 13.45 1.88
CA ASP A 84 5.40 13.69 2.32
C ASP A 84 6.43 12.84 1.58
N CYS A 85 6.38 12.95 0.26
CA CYS A 85 7.30 12.21 -0.58
C CYS A 85 7.85 13.20 -1.58
N SER A 86 9.17 13.38 -1.54
CA SER A 86 9.87 14.29 -2.43
C SER A 86 10.17 13.68 -3.80
N GLY A 87 10.56 14.52 -4.75
CA GLY A 87 10.92 14.06 -6.08
C GLY A 87 12.09 13.09 -6.00
N LYS A 88 13.10 13.46 -5.21
CA LYS A 88 14.25 12.58 -5.04
C LYS A 88 13.82 11.25 -4.43
N MET A 89 12.88 11.30 -3.48
CA MET A 89 12.33 10.09 -2.89
C MET A 89 11.58 9.27 -3.94
N PHE A 90 10.73 9.92 -4.74
CA PHE A 90 10.01 9.22 -5.80
C PHE A 90 10.93 8.49 -6.70
N ASP A 91 12.07 9.08 -7.05
CA ASP A 91 12.97 8.38 -8.00
C ASP A 91 13.55 7.07 -7.50
N SER A 92 13.53 6.86 -6.19
CA SER A 92 14.16 5.66 -5.68
C SER A 92 13.14 4.59 -5.46
N LEU A 93 11.88 4.95 -5.56
CA LEU A 93 10.82 4.04 -5.10
C LEU A 93 10.04 3.41 -6.24
N ASP A 94 9.44 2.23 -5.98
CA ASP A 94 8.62 1.53 -6.96
C ASP A 94 7.15 1.61 -6.61
N LEU A 95 6.83 1.60 -5.32
CA LEU A 95 5.45 1.52 -4.87
C LEU A 95 5.12 2.65 -3.96
N ILE A 96 4.10 3.42 -4.33
CA ILE A 96 3.70 4.52 -3.49
C ILE A 96 2.33 4.25 -2.86
N ILE A 97 2.30 4.01 -1.57
CA ILE A 97 1.06 3.89 -0.82
C ILE A 97 0.91 5.21 -0.01
N ALA A 98 -0.33 5.63 0.23
CA ALA A 98 -0.63 6.86 0.95
C ALA A 98 -1.88 6.65 1.74
N GLY A 99 -1.94 7.32 2.88
CA GLY A 99 -3.10 7.22 3.77
C GLY A 99 -3.05 8.22 4.90
N PHE A 100 -4.15 8.25 5.64
CA PHE A 100 -4.39 9.22 6.69
C PHE A 100 -3.76 8.72 8.00
N HIS A 101 -2.87 9.51 8.60
CA HIS A 101 -2.33 9.21 9.93
C HIS A 101 -2.39 10.47 10.82
N GLU A 102 -3.01 10.34 12.00
CA GLU A 102 -3.28 11.47 12.92
C GLU A 102 -2.27 12.61 13.03
N PRO A 103 -1.06 12.32 13.50
CA PRO A 103 -0.04 13.37 13.70
C PRO A 103 0.23 14.25 12.47
N VAL A 104 -0.12 13.74 11.28
CA VAL A 104 0.09 14.50 10.06
C VAL A 104 -1.20 15.14 9.59
N PHE A 105 -2.28 14.37 9.60
CA PHE A 105 -3.61 14.81 9.17
C PHE A 105 -4.62 14.33 10.21
N ALA A 106 -5.18 15.24 10.98
CA ALA A 106 -6.12 14.84 12.02
C ALA A 106 -7.48 14.65 11.38
N PRO A 107 -8.25 13.67 11.85
CA PRO A 107 -9.54 13.43 11.24
C PRO A 107 -10.34 14.70 11.31
N HIS A 108 -10.92 15.11 10.18
CA HIS A 108 -11.77 16.29 10.15
C HIS A 108 -13.21 15.88 9.80
N ASP A 109 -14.03 16.83 9.37
CA ASP A 109 -15.35 16.50 8.85
C ASP A 109 -15.17 15.53 7.68
N LYS A 110 -16.22 14.73 7.46
CA LYS A 110 -16.30 13.74 6.40
C LYS A 110 -15.89 14.31 5.08
N ALA A 111 -16.46 15.47 4.76
CA ALA A 111 -16.20 16.15 3.51
C ALA A 111 -14.75 16.53 3.32
N THR A 112 -14.08 16.88 4.41
CA THR A 112 -12.66 17.20 4.35
C THR A 112 -11.85 15.94 4.05
N ASN A 113 -12.11 14.88 4.83
CA ASN A 113 -11.39 13.64 4.67
C ASN A 113 -11.57 13.17 3.22
N THR A 114 -12.82 13.18 2.77
CA THR A 114 -13.16 12.80 1.43
C THR A 114 -12.38 13.62 0.39
N GLN A 115 -12.39 14.94 0.50
CA GLN A 115 -11.73 15.70 -0.56
C GLN A 115 -10.24 15.46 -0.52
N ALA A 116 -9.72 15.25 0.68
CA ALA A 116 -8.27 15.09 0.77
C ALA A 116 -7.82 13.73 0.16
N MET A 117 -8.63 12.69 0.38
CA MET A 117 -8.37 11.38 -0.15
C MET A 117 -8.53 11.35 -1.70
N ILE A 118 -9.62 11.94 -2.17
CA ILE A 118 -9.86 12.04 -3.60
C ILE A 118 -8.74 12.83 -4.27
N ALA A 119 -8.35 13.97 -3.69
CA ALA A 119 -7.28 14.73 -4.30
C ALA A 119 -6.01 13.91 -4.35
N THR A 120 -5.75 13.12 -3.31
CA THR A 120 -4.53 12.31 -3.30
C THR A 120 -4.61 11.31 -4.46
N ILE A 121 -5.74 10.63 -4.57
CA ILE A 121 -6.01 9.71 -5.67
C ILE A 121 -5.84 10.35 -7.06
N ALA A 122 -6.38 11.56 -7.22
CA ALA A 122 -6.37 12.26 -8.52
C ALA A 122 -5.02 12.83 -8.88
N SER A 123 -4.13 12.94 -7.90
CA SER A 123 -2.83 13.57 -8.10
C SER A 123 -1.99 12.84 -9.12
N GLY A 124 -2.28 11.56 -9.33
CA GLY A 124 -1.45 10.72 -10.19
C GLY A 124 -0.20 10.20 -9.45
N ASN A 125 0.07 10.67 -8.25
CA ASN A 125 1.30 10.23 -7.57
C ASN A 125 1.22 8.98 -6.65
N VAL A 126 0.09 8.30 -6.66
CA VAL A 126 -0.15 7.22 -5.71
C VAL A 126 -0.71 5.94 -6.36
N HIS A 127 -0.26 4.77 -5.91
CA HIS A 127 -0.79 3.49 -6.38
C HIS A 127 -1.89 2.88 -5.52
N ILE A 128 -1.86 3.16 -4.22
CA ILE A 128 -2.73 2.47 -3.24
C ILE A 128 -3.09 3.39 -2.04
N ILE A 129 -4.35 3.41 -1.64
CA ILE A 129 -4.74 4.11 -0.38
C ILE A 129 -4.83 3.07 0.73
N SER A 130 -4.02 3.20 1.77
CA SER A 130 -4.08 2.23 2.83
C SER A 130 -5.27 2.48 3.75
N HIS A 131 -5.75 1.40 4.34
CA HIS A 131 -6.87 1.32 5.24
C HIS A 131 -7.89 2.50 5.13
N PRO A 132 -8.52 2.67 3.97
CA PRO A 132 -9.54 3.69 3.78
C PRO A 132 -10.79 3.37 4.59
N GLY A 133 -10.87 2.16 5.10
CA GLY A 133 -12.03 1.74 5.88
C GLY A 133 -11.94 2.11 7.34
N ASN A 134 -10.92 2.88 7.70
CA ASN A 134 -10.69 3.29 9.07
C ASN A 134 -11.80 4.22 9.59
N PRO A 135 -12.54 3.75 10.58
CA PRO A 135 -13.68 4.49 11.15
C PRO A 135 -13.31 5.88 11.65
N LYS A 136 -12.06 6.02 12.10
CA LYS A 136 -11.57 7.31 12.58
C LYS A 136 -11.67 8.38 11.49
N TYR A 137 -11.56 7.99 10.23
CA TYR A 137 -11.66 8.95 9.14
C TYR A 137 -12.87 8.65 8.25
N GLU A 138 -14.01 9.26 8.58
CA GLU A 138 -15.25 9.03 7.84
C GLU A 138 -15.12 9.61 6.45
N ILE A 139 -15.59 8.89 5.44
CA ILE A 139 -15.50 9.33 4.07
C ILE A 139 -16.72 8.84 3.32
N ASP A 140 -16.99 9.48 2.19
CA ASP A 140 -17.97 9.03 1.20
C ASP A 140 -17.28 7.90 0.39
N VAL A 141 -17.57 6.66 0.78
CA VAL A 141 -16.95 5.50 0.20
C VAL A 141 -17.14 5.40 -1.30
N LYS A 142 -18.37 5.40 -1.75
CA LYS A 142 -18.64 5.34 -3.19
C LYS A 142 -17.88 6.43 -3.97
N ALA A 143 -17.87 7.66 -3.48
CA ALA A 143 -17.15 8.70 -4.20
C ALA A 143 -15.63 8.36 -4.25
N VAL A 144 -15.08 7.87 -3.16
CA VAL A 144 -13.68 7.50 -3.19
C VAL A 144 -13.39 6.33 -4.16
N ALA A 145 -14.21 5.29 -4.10
CA ALA A 145 -14.00 4.11 -4.90
C ALA A 145 -14.04 4.52 -6.37
N GLU A 146 -15.04 5.33 -6.71
CA GLU A 146 -15.22 5.80 -8.07
C GLU A 146 -14.00 6.58 -8.53
N ALA A 147 -13.51 7.46 -7.68
CA ALA A 147 -12.33 8.22 -8.03
C ALA A 147 -11.15 7.25 -8.24
N ALA A 148 -11.05 6.25 -7.36
CA ALA A 148 -9.98 5.27 -7.41
C ALA A 148 -10.04 4.46 -8.71
N ALA A 149 -11.27 4.12 -9.16
CA ALA A 149 -11.45 3.36 -10.38
C ALA A 149 -11.05 4.22 -11.57
N LYS A 150 -11.44 5.48 -11.54
CA LYS A 150 -11.10 6.38 -12.64
C LYS A 150 -9.61 6.65 -12.70
N HIS A 151 -8.98 6.85 -11.56
CA HIS A 151 -7.54 7.14 -11.61
C HIS A 151 -6.67 5.89 -11.52
N GLN A 152 -7.28 4.71 -11.56
CA GLN A 152 -6.51 3.47 -11.49
C GLN A 152 -5.65 3.32 -10.23
N VAL A 153 -6.20 3.74 -9.08
CA VAL A 153 -5.56 3.54 -7.79
C VAL A 153 -6.29 2.40 -7.08
N ALA A 154 -5.56 1.51 -6.40
CA ALA A 154 -6.20 0.43 -5.64
C ALA A 154 -6.60 0.92 -4.23
N LEU A 155 -7.68 0.38 -3.69
CA LEU A 155 -8.01 0.68 -2.30
C LEU A 155 -7.58 -0.51 -1.47
N GLU A 156 -6.86 -0.27 -0.39
CA GLU A 156 -6.40 -1.39 0.45
C GLU A 156 -7.51 -2.09 1.26
N ILE A 157 -7.48 -3.41 1.32
CA ILE A 157 -8.23 -4.13 2.34
C ILE A 157 -7.11 -4.60 3.26
N ASN A 158 -7.14 -4.07 4.48
CA ASN A 158 -6.02 -4.19 5.42
C ASN A 158 -6.22 -5.20 6.55
N ASN A 159 -5.32 -6.20 6.63
CA ASN A 159 -5.44 -7.23 7.66
C ASN A 159 -5.20 -6.70 9.07
N SER A 160 -4.11 -5.96 9.27
CA SER A 160 -3.81 -5.44 10.59
C SER A 160 -5.08 -4.87 11.20
N SER A 161 -5.97 -4.38 10.34
CA SER A 161 -7.19 -3.69 10.73
C SER A 161 -8.22 -4.44 11.61
N ASN A 172 -15.41 -0.58 8.31
CA ASN A 172 -16.01 -0.11 7.06
C ASN A 172 -15.46 -0.83 5.84
N CYS A 173 -14.70 -1.91 6.06
CA CYS A 173 -14.06 -2.66 4.97
C CYS A 173 -15.00 -3.40 4.02
N ARG A 174 -16.13 -3.90 4.52
CA ARG A 174 -17.10 -4.54 3.65
C ARG A 174 -17.67 -3.48 2.68
N GLU A 175 -17.95 -2.29 3.19
CA GLU A 175 -18.49 -1.20 2.37
C GLU A 175 -17.50 -0.82 1.27
N VAL A 176 -16.22 -0.74 1.64
CA VAL A 176 -15.15 -0.40 0.74
C VAL A 176 -15.05 -1.43 -0.37
N ALA A 177 -15.10 -2.69 0.03
CA ALA A 177 -14.93 -3.79 -0.90
C ALA A 177 -16.09 -3.89 -1.88
N ALA A 178 -17.31 -3.79 -1.37
CA ALA A 178 -18.43 -3.84 -2.30
C ALA A 178 -18.33 -2.61 -3.17
N ALA A 179 -17.95 -1.46 -2.58
CA ALA A 179 -17.83 -0.26 -3.42
C ALA A 179 -16.81 -0.46 -4.56
N VAL A 180 -15.66 -1.01 -4.27
CA VAL A 180 -14.66 -1.18 -5.32
C VAL A 180 -15.15 -2.19 -6.33
N ARG A 181 -15.90 -3.18 -5.86
CA ARG A 181 -16.50 -4.17 -6.75
C ARG A 181 -17.36 -3.52 -7.85
N ASP A 182 -18.21 -2.56 -7.45
CA ASP A 182 -19.15 -1.93 -8.37
C ASP A 182 -18.54 -0.81 -9.19
N ALA A 183 -17.61 -0.08 -8.61
CA ALA A 183 -16.95 1.00 -9.31
C ALA A 183 -16.00 0.43 -10.38
N GLY A 184 -15.53 -0.81 -10.20
CA GLY A 184 -14.63 -1.43 -11.16
C GLY A 184 -13.12 -1.30 -10.91
N GLY A 185 -12.72 -0.79 -9.73
CA GLY A 185 -11.31 -0.61 -9.42
C GLY A 185 -10.58 -1.84 -8.95
N TRP A 186 -9.30 -1.65 -8.57
CA TRP A 186 -8.42 -2.69 -8.00
C TRP A 186 -8.50 -2.68 -6.48
N VAL A 187 -8.43 -3.88 -5.88
CA VAL A 187 -8.19 -3.97 -4.46
C VAL A 187 -6.79 -4.50 -4.26
N ALA A 188 -6.09 -3.94 -3.25
CA ALA A 188 -4.78 -4.48 -2.85
C ALA A 188 -4.85 -5.05 -1.45
N LEU A 189 -4.19 -6.17 -1.26
CA LEU A 189 -4.17 -6.72 0.09
C LEU A 189 -2.84 -6.38 0.78
N GLY A 190 -2.91 -5.94 2.04
CA GLY A 190 -1.74 -5.60 2.84
C GLY A 190 -1.86 -6.05 4.31
N SER A 191 -0.82 -6.70 4.83
CA SER A 191 -0.88 -7.17 6.22
C SER A 191 -0.66 -5.99 7.17
N ASP A 192 -0.01 -4.94 6.69
CA ASP A 192 0.40 -3.80 7.49
C ASP A 192 1.18 -4.38 8.69
N SER A 193 1.99 -5.38 8.40
CA SER A 193 2.83 -6.00 9.44
C SER A 193 3.77 -5.00 10.12
N HIS A 194 3.86 -5.06 11.45
CA HIS A 194 4.88 -4.30 12.16
C HIS A 194 6.00 -5.28 12.72
N THR A 195 5.75 -6.58 12.60
CA THR A 195 6.81 -7.64 12.65
C THR A 195 6.61 -8.54 11.46
N ALA A 196 7.66 -9.27 11.10
CA ALA A 196 7.63 -10.15 9.96
C ALA A 196 6.75 -11.39 10.23
N PHE A 197 6.37 -11.60 11.50
CA PHE A 197 5.58 -12.79 11.79
C PHE A 197 4.17 -12.81 11.17
N THR A 198 3.58 -11.64 10.91
CA THR A 198 2.26 -11.63 10.29
C THR A 198 2.35 -11.40 8.77
N MET A 199 3.56 -11.43 8.19
CA MET A 199 3.72 -11.16 6.75
C MET A 199 2.81 -12.10 5.95
N GLY A 200 2.13 -11.54 4.96
CA GLY A 200 1.29 -12.33 4.07
C GLY A 200 0.01 -12.83 4.71
N GLU A 201 -0.29 -12.36 5.92
CA GLU A 201 -1.45 -12.89 6.63
C GLU A 201 -2.72 -12.10 6.38
N PHE A 202 -3.56 -12.67 5.51
CA PHE A 202 -4.78 -12.06 4.98
C PHE A 202 -6.11 -12.76 5.30
N GLU A 203 -6.11 -13.72 6.22
CA GLU A 203 -7.33 -14.47 6.53
C GLU A 203 -8.56 -13.58 6.70
N GLU A 204 -8.44 -12.54 7.52
CA GLU A 204 -9.56 -11.65 7.78
C GLU A 204 -9.95 -10.82 6.55
N CYS A 205 -8.97 -10.34 5.81
CA CYS A 205 -9.24 -9.62 4.57
C CYS A 205 -10.10 -10.55 3.71
N LEU A 206 -9.64 -11.77 3.59
CA LEU A 206 -10.29 -12.71 2.71
C LEU A 206 -11.75 -12.89 3.06
N LYS A 207 -12.08 -12.85 4.33
CA LYS A 207 -13.46 -13.04 4.71
C LYS A 207 -14.30 -11.84 4.21
N ILE A 208 -13.81 -10.64 4.46
CA ILE A 208 -14.51 -9.46 3.97
C ILE A 208 -14.81 -9.64 2.49
N LEU A 209 -13.82 -10.02 1.70
CA LEU A 209 -14.03 -10.14 0.26
C LEU A 209 -15.03 -11.21 -0.13
N ASP A 210 -15.03 -12.30 0.61
CA ASP A 210 -15.97 -13.37 0.32
C ASP A 210 -17.39 -12.92 0.63
N ALA A 211 -17.55 -12.25 1.77
CA ALA A 211 -18.83 -11.74 2.15
C ALA A 211 -19.46 -10.81 1.10
N VAL A 212 -18.68 -10.32 0.13
CA VAL A 212 -19.26 -9.42 -0.88
C VAL A 212 -19.18 -9.98 -2.27
N ASP A 213 -18.68 -11.21 -2.33
CA ASP A 213 -18.35 -11.93 -3.57
C ASP A 213 -17.47 -11.08 -4.48
N PHE A 214 -16.33 -10.60 -3.95
CA PHE A 214 -15.42 -9.80 -4.79
C PHE A 214 -14.77 -10.64 -5.92
N PRO A 215 -14.64 -10.08 -7.10
CA PRO A 215 -14.04 -10.79 -8.24
C PRO A 215 -12.52 -11.00 -8.03
N PRO A 216 -12.08 -12.25 -8.06
CA PRO A 216 -10.66 -12.54 -7.87
C PRO A 216 -9.82 -11.81 -8.90
N GLU A 217 -10.36 -11.64 -10.11
CA GLU A 217 -9.66 -10.90 -11.15
C GLU A 217 -9.25 -9.50 -10.76
N ARG A 218 -9.85 -8.93 -9.73
CA ARG A 218 -9.43 -7.58 -9.37
C ARG A 218 -8.63 -7.44 -8.06
N ILE A 219 -8.07 -8.54 -7.61
CA ILE A 219 -7.18 -8.54 -6.45
C ILE A 219 -5.74 -8.49 -6.96
N LEU A 220 -5.07 -7.38 -6.67
CA LEU A 220 -3.68 -7.27 -7.18
C LEU A 220 -2.74 -8.43 -6.79
N ASN A 221 -2.91 -8.96 -5.58
CA ASN A 221 -1.99 -9.91 -4.96
C ASN A 221 -2.02 -11.32 -5.49
N VAL A 222 -2.91 -11.57 -6.44
CA VAL A 222 -3.03 -12.94 -6.98
C VAL A 222 -1.69 -13.48 -7.50
N SER A 223 -0.90 -12.61 -8.10
CA SER A 223 0.40 -13.05 -8.58
C SER A 223 1.33 -11.87 -8.69
N PRO A 224 2.62 -12.12 -8.61
CA PRO A 224 3.60 -11.05 -8.82
C PRO A 224 3.42 -10.34 -10.14
N ARG A 225 3.19 -11.10 -11.20
CA ARG A 225 3.12 -10.51 -12.53
C ARG A 225 1.94 -9.56 -12.64
N ARG A 226 0.82 -9.95 -12.05
CA ARG A 226 -0.35 -9.08 -12.09
C ARG A 226 -0.02 -7.77 -11.37
N LEU A 227 0.64 -7.86 -10.21
CA LEU A 227 0.98 -6.63 -9.48
C LEU A 227 1.99 -5.81 -10.29
N LEU A 228 3.01 -6.45 -10.82
CA LEU A 228 4.00 -5.70 -11.57
C LEU A 228 3.40 -5.12 -12.88
N ASN A 229 2.45 -5.83 -13.51
CA ASN A 229 1.78 -5.26 -14.70
C ASN A 229 1.04 -3.97 -14.38
N PHE A 230 0.41 -3.96 -13.20
CA PHE A 230 -0.27 -2.77 -12.74
C PHE A 230 0.68 -1.61 -12.55
N LEU A 231 1.82 -1.83 -11.89
CA LEU A 231 2.81 -0.75 -11.72
C LEU A 231 3.31 -0.24 -13.12
N GLU A 232 3.55 -1.16 -14.06
CA GLU A 232 3.93 -0.74 -15.42
C GLU A 232 2.80 0.07 -16.04
N SER A 233 1.55 -0.38 -15.94
CA SER A 233 0.44 0.47 -16.41
C SER A 233 0.50 1.85 -15.76
N ARG A 234 0.94 1.96 -14.51
CA ARG A 234 0.97 3.33 -13.94
C ARG A 234 2.26 4.14 -14.35
N GLY A 235 3.18 3.54 -15.10
CA GLY A 235 4.32 4.30 -15.58
C GLY A 235 5.70 3.85 -15.10
N MET A 236 5.75 2.72 -14.40
CA MET A 236 7.00 2.19 -13.90
C MET A 236 7.73 1.43 -15.01
N ALA A 237 8.98 1.81 -15.24
CA ALA A 237 9.86 1.08 -16.16
C ALA A 237 9.94 -0.31 -15.59
N PRO A 238 9.91 -1.30 -16.47
CA PRO A 238 9.95 -2.71 -16.11
C PRO A 238 11.20 -3.11 -15.31
N ILE A 239 11.06 -4.09 -14.42
CA ILE A 239 12.18 -4.49 -13.59
C ILE A 239 12.60 -5.85 -13.99
N ALA A 240 13.70 -5.88 -14.75
CA ALA A 240 14.24 -7.09 -15.37
C ALA A 240 14.51 -8.21 -14.42
N GLU A 241 15.04 -7.87 -13.25
CA GLU A 241 15.31 -8.92 -12.26
C GLU A 241 14.05 -9.66 -11.80
N PHE A 242 12.88 -9.07 -12.08
CA PHE A 242 11.61 -9.71 -11.70
C PHE A 242 10.92 -10.64 -12.76
N ALA A 243 11.44 -10.72 -14.00
CA ALA A 243 10.88 -11.54 -15.13
C ALA A 243 10.32 -12.95 -14.86
N ASP A 244 11.01 -13.62 -13.94
CA ASP A 244 10.79 -15.01 -13.66
C ASP A 244 9.83 -15.19 -12.51
N LEU A 245 9.44 -14.10 -11.88
CA LEU A 245 8.50 -14.20 -10.78
C LEU A 245 7.11 -14.44 -11.33
ZN ZN B . 2.75 2.01 12.05
ZN ZN C . 1.21 0.88 7.56
ZN ZN D . -1.12 3.28 7.92
S SO4 E . 0.02 2.79 17.41
O1 SO4 E . -0.16 3.87 16.45
O2 SO4 E . 1.43 2.38 17.37
O3 SO4 E . -0.27 3.24 18.77
O4 SO4 E . -0.90 1.70 17.05
S SO4 F . -12.36 -14.02 -3.15
O1 SO4 F . -13.14 -12.86 -3.58
O2 SO4 F . -11.29 -14.32 -4.10
O3 SO4 F . -11.76 -13.69 -1.86
O4 SO4 F . -13.22 -15.20 -3.07
#